data_3VMT
#
_entry.id   3VMT
#
_cell.length_a   66.493
_cell.length_b   67.429
_cell.length_c   152.186
_cell.angle_alpha   90.00
_cell.angle_beta   90.00
_cell.angle_gamma   90.00
#
_symmetry.space_group_name_H-M   'P 21 21 21'
#
loop_
_entity.id
_entity.type
_entity.pdbx_description
1 polymer 'Monofunctional glycosyltransferase'
2 non-polymer '[(2R,3R,4R,5S,6R)-4-[(2R)-1-[[(2S)-1-[2-[2-[2-[5-[(3aS,4S,6aR)-2-oxidanylidene-1,3,3a,4,6,6a-hexahydrothieno[3,4-d]imidazol-4-yl]pentanoylamino]ethoxy]ethoxy]ethylamino]-1-oxidanylidene-propan-2-yl]amino]-1-oxidanylidene-propan-2-yl]oxy-3-acetamido-5-[(2S,3R,4R,5R,6R)-3-acetamido-6-(hydroxymethyl)-4,5-bis(oxidanyl)oxan-2-yl]oxy-6-(hydroxymethyl)oxan-2-yl] [oxidanyl(3,7,11,15,19,23,27,31,35,39,43-undecamethyltetratetraconta-2,6,10,14,18,22,26,30,34,38,42-undecaenoxy)phosphoryl] hydrogen phosphate'
3 non-polymer 'MAGNESIUM ION'
4 water water
#
_entity_poly.entity_id   1
_entity_poly.type   'polypeptide(L)'
_entity_poly.pdbx_seq_one_letter_code
;MGSSHHHHHHSSGLVPRGSHMQPVGKPPKKKKSKRILLKILLTILIIIALFIGIMYFLSTRDNVDELRKIENKSSFVSAD
NMPEYVKGAFISMEDERFYNHHGFDLKGTTRALFSTISDRDVQGGSTITQQVVKNYFYDNDRSFTRKVKELFVAHRVEKQ
YNKNEILSFYLNNIYFGDNQYTLEGAANHYFGTTVNKNSTTMSHITVLQSAILASKVNAPSVYNINNMSENFTQRVSTNL
EKMKQQNYINETQYQQAMSQLNR
;
_entity_poly.pdbx_strand_id   A,B
#
loop_
_chem_comp.id
_chem_comp.type
_chem_comp.name
_chem_comp.formula
LHI non-polymer '[(2R,3R,4R,5S,6R)-4-[(2R)-1-[[(2S)-1-[2-[2-[2-[5-[(3aS,4S,6aR)-2-oxidanylidene-1,3,3a,4,6,6a-hexahydrothieno[3,4-d]imidazol-4-yl]pentanoylamino]ethoxy]ethoxy]ethylamino]-1-oxidanylidene-propan-2-yl]amino]-1-oxidanylidene-propan-2-yl]oxy-3-acetamido-5-[(2S,3R,4R,5R,6R)-3-acetamido-6-(hydroxymethyl)-4,5-bis(oxidanyl)oxan-2-yl]oxy-6-(hydroxymethyl)oxan-2-yl] [oxidanyl(3,7,11,15,19,23,27,31,35,39,43-undecamethyltetratetraconta-2,6,10,14,18,22,26,30,34,38,42-undecaenoxy)phosphoryl] hydrogen phosphate' 'C93 H155 N7 O23 P2 S'
MG non-polymer 'MAGNESIUM ION' 'Mg 2'
#
# COMPACT_ATOMS: atom_id res chain seq x y z
N ARG A 35 11.52 -55.77 -32.04
CA ARG A 35 12.54 -55.82 -31.01
C ARG A 35 13.65 -54.81 -31.27
N ILE A 36 13.47 -53.99 -32.30
CA ILE A 36 14.47 -52.99 -32.66
C ILE A 36 14.13 -51.62 -32.07
N LEU A 37 12.85 -51.39 -31.79
CA LEU A 37 12.42 -50.12 -31.19
C LEU A 37 12.30 -50.22 -29.66
N LEU A 38 12.64 -51.38 -29.11
CA LEU A 38 12.62 -51.58 -27.66
C LEU A 38 14.03 -51.43 -27.07
N LYS A 39 15.03 -51.58 -27.93
CA LYS A 39 16.43 -51.50 -27.50
C LYS A 39 16.97 -50.07 -27.56
N ILE A 40 16.43 -49.27 -28.48
CA ILE A 40 16.79 -47.86 -28.54
C ILE A 40 15.93 -47.03 -27.60
N LEU A 41 14.83 -47.63 -27.14
CA LEU A 41 13.98 -47.01 -26.13
C LEU A 41 14.54 -47.29 -24.74
N LEU A 42 15.02 -48.53 -24.57
CA LEU A 42 15.63 -48.94 -23.32
C LEU A 42 16.93 -48.16 -23.08
N THR A 43 17.76 -48.08 -24.11
CA THR A 43 19.05 -47.42 -24.00
C THR A 43 18.93 -45.93 -23.68
N ILE A 44 17.92 -45.28 -24.22
CA ILE A 44 17.67 -43.88 -23.93
C ILE A 44 17.01 -43.73 -22.56
N LEU A 45 16.12 -44.67 -22.22
CA LEU A 45 15.44 -44.66 -20.94
C LEU A 45 16.42 -44.94 -19.80
N ILE A 46 17.49 -45.66 -20.10
CA ILE A 46 18.50 -45.98 -19.10
C ILE A 46 19.55 -44.87 -18.99
N ILE A 47 19.85 -44.24 -20.11
CA ILE A 47 20.84 -43.17 -20.11
C ILE A 47 20.33 -41.98 -19.30
N ILE A 48 19.02 -41.74 -19.36
CA ILE A 48 18.41 -40.64 -18.61
C ILE A 48 18.30 -40.97 -17.12
N ALA A 49 17.94 -42.21 -16.82
CA ALA A 49 17.86 -42.65 -15.44
C ALA A 49 19.26 -42.60 -14.85
N LEU A 50 20.24 -42.92 -15.69
CA LEU A 50 21.63 -42.88 -15.27
C LEU A 50 22.01 -41.44 -14.96
N PHE A 51 21.63 -40.53 -15.87
CA PHE A 51 21.83 -39.10 -15.67
C PHE A 51 21.18 -38.62 -14.39
N ILE A 52 19.86 -38.80 -14.30
CA ILE A 52 19.12 -38.42 -13.10
C ILE A 52 19.81 -38.95 -11.86
N GLY A 53 20.25 -40.20 -11.94
CA GLY A 53 20.93 -40.84 -10.82
C GLY A 53 22.23 -40.14 -10.45
N ILE A 54 23.10 -39.93 -11.43
CA ILE A 54 24.34 -39.22 -11.19
C ILE A 54 24.01 -37.86 -10.60
N MET A 55 23.03 -37.20 -11.20
CA MET A 55 22.54 -35.92 -10.73
C MET A 55 22.23 -35.97 -9.23
N TYR A 56 21.50 -37.00 -8.82
CA TYR A 56 21.23 -37.21 -7.41
C TYR A 56 22.53 -37.16 -6.62
N PHE A 57 23.50 -37.95 -7.05
CA PHE A 57 24.77 -38.05 -6.34
C PHE A 57 25.47 -36.70 -6.24
N LEU A 58 25.35 -35.89 -7.28
CA LEU A 58 25.90 -34.54 -7.27
C LEU A 58 25.29 -33.72 -6.13
N SER A 59 23.96 -33.71 -6.07
CA SER A 59 23.22 -32.94 -5.07
C SER A 59 23.62 -33.39 -3.67
N THR A 60 24.29 -34.52 -3.59
CA THR A 60 24.71 -35.08 -2.32
C THR A 60 26.22 -34.92 -2.18
N ARG A 61 26.69 -33.87 -1.51
CA ARG A 61 25.89 -32.82 -0.89
C ARG A 61 26.84 -31.61 -0.93
N ASP A 62 26.38 -30.36 -0.75
CA ASP A 62 24.99 -29.94 -0.58
C ASP A 62 24.26 -30.56 0.60
N ASN A 63 24.77 -30.24 1.80
CA ASN A 63 24.27 -30.81 3.06
C ASN A 63 23.21 -29.91 3.70
N VAL A 64 21.96 -30.35 3.73
CA VAL A 64 20.90 -29.44 4.14
C VAL A 64 20.96 -29.13 5.64
N ASP A 65 21.84 -29.81 6.34
CA ASP A 65 22.04 -29.56 7.77
C ASP A 65 22.58 -28.14 7.92
N GLU A 66 23.26 -27.67 6.88
CA GLU A 66 23.86 -26.34 6.83
C GLU A 66 22.87 -25.19 7.02
N LEU A 67 21.63 -25.39 6.58
CA LEU A 67 20.60 -24.36 6.69
C LEU A 67 20.51 -23.81 8.10
N ARG A 68 20.79 -24.66 9.09
CA ARG A 68 20.73 -24.24 10.49
C ARG A 68 21.63 -23.02 10.75
N LYS A 69 22.65 -22.83 9.93
CA LYS A 69 23.56 -21.70 10.10
C LYS A 69 22.88 -20.34 9.96
N ILE A 70 21.82 -20.29 9.16
CA ILE A 70 21.02 -19.08 9.02
C ILE A 70 20.51 -18.55 10.35
N GLU A 71 20.28 -19.45 11.30
CA GLU A 71 19.69 -19.03 12.56
C GLU A 71 20.71 -18.29 13.43
N ASN A 72 21.96 -18.32 13.02
CA ASN A 72 23.02 -17.61 13.74
C ASN A 72 23.16 -16.13 13.42
N LYS A 73 22.48 -15.64 12.37
CA LYS A 73 22.59 -14.24 11.99
C LYS A 73 22.11 -13.33 13.12
N SER A 74 22.83 -12.23 13.32
CA SER A 74 22.52 -11.29 14.39
C SER A 74 21.06 -10.82 14.33
N SER A 75 20.46 -10.86 13.15
CA SER A 75 19.11 -10.34 12.99
C SER A 75 18.11 -11.43 12.61
N PHE A 76 18.48 -12.69 12.84
CA PHE A 76 17.54 -13.75 12.57
C PHE A 76 16.23 -13.55 13.38
N VAL A 77 15.09 -13.69 12.72
CA VAL A 77 13.80 -13.81 13.39
C VAL A 77 13.05 -14.92 12.69
N SER A 78 12.58 -15.90 13.44
CA SER A 78 11.89 -17.03 12.84
C SER A 78 10.47 -16.64 12.51
N ALA A 79 9.89 -17.33 11.54
CA ALA A 79 8.61 -16.94 10.97
C ALA A 79 7.50 -16.96 12.02
N ASP A 80 7.59 -17.87 12.97
CA ASP A 80 6.56 -17.97 14.01
C ASP A 80 6.53 -16.76 14.96
N ASN A 81 7.59 -15.95 14.97
CA ASN A 81 7.57 -14.71 15.76
C ASN A 81 7.22 -13.48 14.94
N MET A 82 6.61 -13.69 13.77
CA MET A 82 6.19 -12.59 12.89
C MET A 82 4.67 -12.52 12.70
N PRO A 83 4.12 -11.30 12.53
CA PRO A 83 2.67 -11.19 12.34
C PRO A 83 2.24 -12.03 11.14
N GLU A 84 1.01 -12.52 11.12
CA GLU A 84 0.60 -13.41 10.03
C GLU A 84 0.57 -12.69 8.68
N TYR A 85 0.44 -11.37 8.71
CA TYR A 85 0.33 -10.66 7.45
C TYR A 85 1.72 -10.46 6.84
N VAL A 86 2.74 -10.49 7.68
CA VAL A 86 4.10 -10.43 7.21
C VAL A 86 4.46 -11.71 6.47
N LYS A 87 4.14 -12.84 7.07
CA LYS A 87 4.35 -14.13 6.42
C LYS A 87 3.52 -14.23 5.14
N GLY A 88 2.27 -13.79 5.22
CA GLY A 88 1.34 -13.88 4.10
C GLY A 88 1.73 -13.02 2.91
N ALA A 89 2.46 -11.94 3.17
CA ALA A 89 2.89 -11.05 2.08
C ALA A 89 3.77 -11.83 1.13
N PHE A 90 4.65 -12.65 1.72
CA PHE A 90 5.61 -13.45 0.97
C PHE A 90 4.97 -14.69 0.40
N ILE A 91 4.10 -15.31 1.17
CA ILE A 91 3.49 -16.55 0.75
C ILE A 91 2.56 -16.32 -0.44
N SER A 92 1.74 -15.28 -0.36
CA SER A 92 0.75 -14.99 -1.38
C SER A 92 1.42 -14.56 -2.68
N MET A 93 2.54 -13.84 -2.54
CA MET A 93 3.29 -13.35 -3.69
C MET A 93 4.21 -14.41 -4.29
N GLU A 94 4.79 -15.26 -3.44
CA GLU A 94 5.86 -16.17 -3.89
C GLU A 94 5.48 -17.65 -3.94
N ASP A 95 4.55 -18.09 -3.09
CA ASP A 95 4.25 -19.50 -3.00
C ASP A 95 2.95 -19.70 -2.24
N GLU A 96 1.83 -19.39 -2.87
CA GLU A 96 0.54 -19.36 -2.20
C GLU A 96 0.03 -20.73 -1.72
N ARG A 97 0.69 -21.81 -2.15
CA ARG A 97 0.37 -23.14 -1.66
C ARG A 97 1.52 -23.72 -0.82
N PHE A 98 2.33 -22.82 -0.26
CA PHE A 98 3.53 -23.19 0.48
C PHE A 98 3.36 -24.41 1.38
N TYR A 99 2.42 -24.34 2.31
CA TYR A 99 2.26 -25.39 3.31
C TYR A 99 1.67 -26.68 2.73
N ASN A 100 1.13 -26.60 1.53
CA ASN A 100 0.50 -27.76 0.89
C ASN A 100 1.49 -28.77 0.33
N HIS A 101 2.55 -28.27 -0.30
CA HIS A 101 3.40 -29.12 -1.11
C HIS A 101 4.57 -29.73 -0.36
N HIS A 102 5.42 -30.44 -1.09
CA HIS A 102 6.56 -31.11 -0.48
C HIS A 102 7.86 -30.68 -1.13
N GLY A 103 7.89 -29.43 -1.58
CA GLY A 103 9.07 -28.84 -2.19
C GLY A 103 8.86 -28.49 -3.65
N PHE A 104 7.98 -29.23 -4.32
CA PHE A 104 7.73 -29.06 -5.73
C PHE A 104 6.26 -28.71 -5.93
N ASP A 105 5.99 -27.50 -6.44
CA ASP A 105 4.61 -27.15 -6.79
C ASP A 105 4.38 -27.41 -8.28
N LEU A 106 3.58 -28.43 -8.57
CA LEU A 106 3.39 -28.86 -9.95
C LEU A 106 2.75 -27.78 -10.81
N LYS A 107 1.65 -27.19 -10.31
CA LYS A 107 0.96 -26.15 -11.06
C LYS A 107 1.90 -25.01 -11.43
N GLY A 108 2.66 -24.54 -10.45
CA GLY A 108 3.57 -23.44 -10.67
C GLY A 108 4.83 -23.82 -11.42
N THR A 109 5.03 -25.12 -11.61
CA THR A 109 6.22 -25.58 -12.32
C THR A 109 5.90 -25.95 -13.77
N THR A 110 4.65 -26.32 -14.05
CA THR A 110 4.20 -26.50 -15.43
C THR A 110 3.97 -25.12 -16.04
N ARG A 111 3.24 -24.28 -15.31
CA ARG A 111 3.06 -22.89 -15.69
C ARG A 111 4.44 -22.29 -15.91
N ALA A 112 5.41 -22.78 -15.14
CA ALA A 112 6.78 -22.29 -15.20
C ALA A 112 7.48 -22.62 -16.51
N LEU A 113 7.08 -23.71 -17.14
CA LEU A 113 7.70 -24.13 -18.40
C LEU A 113 7.27 -23.23 -19.55
N PHE A 114 7.31 -21.92 -19.31
CA PHE A 114 6.98 -20.92 -20.32
C PHE A 114 5.59 -21.14 -20.88
N SER A 115 4.57 -20.84 -20.08
CA SER A 115 3.18 -21.05 -20.49
C SER A 115 2.34 -19.77 -20.39
N THR A 116 3.02 -18.63 -20.23
CA THR A 116 2.36 -17.31 -20.14
C THR A 116 0.94 -17.38 -19.58
N GLY A 124 7.78 -17.23 -10.89
CA GLY A 124 7.74 -18.57 -11.45
C GLY A 124 9.11 -19.17 -11.67
N GLY A 125 9.22 -20.47 -11.45
CA GLY A 125 8.11 -21.25 -10.92
C GLY A 125 8.59 -21.95 -9.67
N SER A 126 9.55 -21.34 -8.99
CA SER A 126 10.17 -21.98 -7.85
C SER A 126 9.44 -21.73 -6.54
N THR A 127 9.10 -22.84 -5.89
CA THR A 127 8.51 -22.84 -4.58
C THR A 127 9.47 -22.21 -3.56
N ILE A 128 8.94 -21.72 -2.45
CA ILE A 128 9.80 -21.11 -1.43
C ILE A 128 10.91 -22.05 -0.98
N THR A 129 10.64 -23.35 -0.94
CA THR A 129 11.67 -24.33 -0.59
C THR A 129 12.83 -24.31 -1.59
N GLN A 130 12.50 -24.39 -2.87
CA GLN A 130 13.49 -24.32 -3.93
C GLN A 130 14.31 -23.04 -3.83
N GLN A 131 13.65 -21.93 -3.51
CA GLN A 131 14.36 -20.65 -3.40
C GLN A 131 15.33 -20.65 -2.23
N VAL A 132 15.00 -21.39 -1.18
CA VAL A 132 15.89 -21.50 -0.03
C VAL A 132 17.17 -22.24 -0.44
N VAL A 133 17.01 -23.26 -1.28
CA VAL A 133 18.14 -24.05 -1.73
C VAL A 133 19.02 -23.20 -2.62
N LYS A 134 18.41 -22.60 -3.64
CA LYS A 134 19.10 -21.71 -4.53
C LYS A 134 19.88 -20.66 -3.74
N ASN A 135 19.19 -19.95 -2.86
CA ASN A 135 19.83 -18.84 -2.14
C ASN A 135 20.98 -19.24 -1.23
N TYR A 136 20.97 -20.46 -0.72
CA TYR A 136 21.99 -20.86 0.25
C TYR A 136 23.18 -21.58 -0.36
N PHE A 137 22.87 -22.51 -1.26
CA PHE A 137 23.88 -23.37 -1.86
C PHE A 137 24.40 -22.89 -3.20
N TYR A 138 23.49 -22.38 -4.03
CA TYR A 138 23.84 -21.92 -5.37
C TYR A 138 23.74 -20.41 -5.46
N ASP A 139 24.44 -19.71 -4.56
CA ASP A 139 24.47 -18.26 -4.57
C ASP A 139 25.19 -17.77 -5.83
N ASN A 140 25.50 -18.71 -6.72
CA ASN A 140 26.33 -18.43 -7.90
C ASN A 140 25.75 -18.84 -9.25
N ASP A 141 25.55 -20.14 -9.45
CA ASP A 141 25.21 -20.67 -10.78
C ASP A 141 23.71 -20.86 -11.03
N ARG A 142 23.36 -21.14 -12.29
CA ARG A 142 21.96 -21.36 -12.69
C ARG A 142 21.86 -22.20 -13.98
N SER A 143 22.13 -23.49 -13.88
CA SER A 143 22.12 -24.40 -15.02
C SER A 143 21.01 -25.44 -14.95
N PHE A 144 20.73 -26.09 -16.08
CA PHE A 144 19.72 -27.15 -16.11
C PHE A 144 20.09 -28.28 -15.14
N THR A 145 21.37 -28.65 -15.14
CA THR A 145 21.84 -29.70 -14.24
C THR A 145 21.81 -29.22 -12.78
N ARG A 146 22.17 -27.97 -12.55
CA ARG A 146 22.14 -27.40 -11.20
C ARG A 146 20.69 -27.12 -10.83
N LYS A 147 19.79 -27.36 -11.76
CA LYS A 147 18.37 -27.18 -11.51
C LYS A 147 17.75 -28.51 -11.13
N VAL A 148 18.28 -29.58 -11.72
CA VAL A 148 17.82 -30.92 -11.38
C VAL A 148 18.28 -31.28 -9.96
N LYS A 149 19.53 -30.99 -9.64
CA LYS A 149 20.05 -31.34 -8.33
C LYS A 149 19.42 -30.48 -7.23
N GLU A 150 19.00 -29.27 -7.59
CA GLU A 150 18.29 -28.41 -6.66
C GLU A 150 16.97 -29.05 -6.23
N LEU A 151 16.41 -29.88 -7.11
CA LEU A 151 15.15 -30.57 -6.80
C LEU A 151 15.40 -31.62 -5.74
N PHE A 152 16.45 -32.42 -5.93
CA PHE A 152 16.82 -33.42 -4.94
C PHE A 152 17.05 -32.78 -3.56
N VAL A 153 17.82 -31.70 -3.55
CA VAL A 153 18.14 -31.01 -2.31
C VAL A 153 16.87 -30.45 -1.64
N ALA A 154 15.96 -29.90 -2.43
CA ALA A 154 14.71 -29.35 -1.91
C ALA A 154 13.88 -30.42 -1.24
N HIS A 155 13.76 -31.57 -1.89
CA HIS A 155 13.04 -32.71 -1.33
C HIS A 155 13.64 -33.06 0.03
N ARG A 156 14.95 -32.92 0.14
CA ARG A 156 15.64 -33.22 1.39
C ARG A 156 15.37 -32.21 2.50
N VAL A 157 15.27 -30.91 2.17
CA VAL A 157 15.01 -29.95 3.24
C VAL A 157 13.59 -30.14 3.76
N GLU A 158 12.68 -30.53 2.87
CA GLU A 158 11.28 -30.77 3.24
C GLU A 158 11.19 -31.96 4.18
N LYS A 159 12.01 -32.97 3.90
CA LYS A 159 12.03 -34.19 4.68
C LYS A 159 12.63 -33.93 6.06
N GLN A 160 13.54 -32.97 6.15
CA GLN A 160 14.26 -32.71 7.39
C GLN A 160 13.73 -31.52 8.19
N TYR A 161 13.14 -30.54 7.52
CA TYR A 161 12.64 -29.37 8.23
C TYR A 161 11.12 -29.25 8.13
N ASN A 162 10.51 -28.59 9.11
CA ASN A 162 9.08 -28.34 9.04
C ASN A 162 8.87 -27.02 8.31
N LYS A 163 7.62 -26.72 7.96
CA LYS A 163 7.33 -25.56 7.11
C LYS A 163 7.76 -24.25 7.74
N ASN A 164 7.57 -24.09 9.04
CA ASN A 164 8.00 -22.86 9.71
C ASN A 164 9.52 -22.64 9.68
N GLU A 165 10.27 -23.72 9.74
CA GLU A 165 11.72 -23.64 9.73
C GLU A 165 12.14 -23.19 8.33
N ILE A 166 11.58 -23.85 7.32
CA ILE A 166 11.84 -23.50 5.94
C ILE A 166 11.52 -22.05 5.64
N LEU A 167 10.34 -21.61 6.07
CA LEU A 167 9.91 -20.23 5.88
C LEU A 167 10.89 -19.29 6.54
N SER A 168 11.42 -19.71 7.68
CA SER A 168 12.40 -18.93 8.43
C SER A 168 13.75 -18.87 7.73
N PHE A 169 14.12 -19.97 7.08
CA PHE A 169 15.36 -19.97 6.31
C PHE A 169 15.15 -19.00 5.13
N TYR A 170 13.95 -19.00 4.58
CA TYR A 170 13.63 -18.15 3.43
C TYR A 170 13.81 -16.66 3.74
N LEU A 171 13.13 -16.18 4.77
CA LEU A 171 13.02 -14.75 5.07
C LEU A 171 14.27 -14.20 5.71
N ASN A 172 15.13 -15.09 6.16
CA ASN A 172 16.38 -14.71 6.78
C ASN A 172 17.59 -14.93 5.85
N ASN A 173 17.31 -15.16 4.57
CA ASN A 173 18.37 -15.34 3.57
C ASN A 173 17.90 -15.05 2.14
N ILE A 174 17.35 -13.87 1.91
CA ILE A 174 17.03 -13.36 0.58
C ILE A 174 17.50 -11.93 0.53
N TYR A 175 17.84 -11.46 -0.67
CA TYR A 175 18.35 -10.11 -0.83
C TYR A 175 17.21 -9.12 -0.95
N PHE A 176 17.24 -8.09 -0.11
CA PHE A 176 16.22 -7.04 -0.11
C PHE A 176 16.83 -5.72 -0.57
N GLY A 177 18.03 -5.80 -1.16
CA GLY A 177 18.72 -4.61 -1.60
C GLY A 177 19.46 -3.94 -0.47
N ASP A 178 20.44 -3.11 -0.82
CA ASP A 178 21.20 -2.34 0.17
C ASP A 178 21.97 -3.25 1.10
N ASN A 179 22.43 -4.36 0.55
CA ASN A 179 23.21 -5.32 1.31
C ASN A 179 22.44 -5.95 2.46
N GLN A 180 21.11 -5.96 2.35
CA GLN A 180 20.27 -6.56 3.39
C GLN A 180 19.80 -7.95 2.96
N TYR A 181 20.13 -8.95 3.76
CA TYR A 181 19.81 -10.34 3.43
C TYR A 181 18.85 -11.03 4.40
N THR A 182 18.37 -10.28 5.40
CA THR A 182 17.36 -10.79 6.31
C THR A 182 16.18 -9.85 6.38
N LEU A 183 14.98 -10.41 6.54
CA LEU A 183 13.76 -9.60 6.58
C LEU A 183 13.86 -8.47 7.60
N GLU A 184 14.38 -8.78 8.78
CA GLU A 184 14.48 -7.81 9.88
C GLU A 184 15.49 -6.71 9.62
N GLY A 185 16.67 -7.09 9.12
CA GLY A 185 17.64 -6.12 8.66
C GLY A 185 16.98 -5.17 7.68
N ALA A 186 16.35 -5.75 6.65
CA ALA A 186 15.67 -4.96 5.64
C ALA A 186 14.62 -4.04 6.26
N ALA A 187 13.81 -4.57 7.17
CA ALA A 187 12.77 -3.77 7.81
C ALA A 187 13.35 -2.62 8.65
N ASN A 188 14.38 -2.94 9.44
CA ASN A 188 15.09 -1.93 10.20
C ASN A 188 15.64 -0.84 9.30
N HIS A 189 16.36 -1.26 8.26
CA HIS A 189 17.09 -0.38 7.38
C HIS A 189 16.19 0.57 6.59
N TYR A 190 15.23 0.04 5.84
CA TYR A 190 14.37 0.87 5.00
C TYR A 190 13.35 1.66 5.81
N PHE A 191 12.74 1.04 6.82
CA PHE A 191 11.60 1.67 7.48
C PHE A 191 11.78 1.91 8.98
N GLY A 192 12.82 1.32 9.57
CA GLY A 192 13.04 1.45 11.00
C GLY A 192 11.93 0.79 11.81
N THR A 193 11.29 -0.22 11.21
CA THR A 193 10.25 -0.98 11.89
C THR A 193 10.75 -2.41 12.07
N THR A 194 10.06 -3.20 12.89
CA THR A 194 10.46 -4.58 13.15
C THR A 194 9.38 -5.57 12.73
N VAL A 195 9.79 -6.80 12.46
CA VAL A 195 8.86 -7.86 12.07
C VAL A 195 8.63 -8.87 13.21
N ASN A 196 9.16 -8.59 14.39
CA ASN A 196 8.94 -9.42 15.58
C ASN A 196 7.70 -8.93 16.31
N LYS A 197 6.59 -9.65 16.15
CA LYS A 197 5.30 -9.26 16.71
C LYS A 197 5.40 -9.00 18.21
N ASN A 198 6.28 -9.74 18.88
CA ASN A 198 6.49 -9.59 20.31
C ASN A 198 7.18 -8.29 20.69
N SER A 199 8.13 -7.87 19.86
CA SER A 199 8.92 -6.66 20.11
C SER A 199 8.13 -5.48 20.67
N THR A 200 8.80 -4.68 21.49
CA THR A 200 8.20 -3.49 22.09
C THR A 200 9.15 -2.30 22.02
N THR A 201 10.37 -2.53 21.53
CA THR A 201 11.38 -1.49 21.46
C THR A 201 11.38 -0.76 20.12
N MET A 202 10.56 -1.25 19.19
CA MET A 202 10.60 -0.76 17.82
C MET A 202 9.21 -0.81 17.19
N SER A 203 8.87 0.22 16.42
CA SER A 203 7.57 0.26 15.76
C SER A 203 7.38 -1.00 14.91
N HIS A 204 6.13 -1.38 14.67
CA HIS A 204 5.86 -2.62 13.95
C HIS A 204 5.70 -2.44 12.44
N ILE A 205 6.32 -3.32 11.66
CA ILE A 205 6.27 -3.22 10.21
C ILE A 205 4.82 -3.22 9.77
N THR A 206 4.47 -2.33 8.84
CA THR A 206 3.07 -2.21 8.43
C THR A 206 2.74 -3.19 7.31
N VAL A 207 1.46 -3.27 6.98
CA VAL A 207 1.00 -4.10 5.87
C VAL A 207 1.71 -3.69 4.57
N LEU A 208 1.69 -2.39 4.27
CA LEU A 208 2.37 -1.85 3.09
C LEU A 208 3.84 -2.28 3.03
N GLN A 209 4.60 -1.93 4.06
CA GLN A 209 6.01 -2.30 4.17
C GLN A 209 6.28 -3.77 3.93
N SER A 210 5.34 -4.61 4.35
CA SER A 210 5.49 -6.06 4.21
C SER A 210 5.41 -6.46 2.75
N ALA A 211 4.45 -5.84 2.06
CA ALA A 211 4.23 -6.01 0.63
C ALA A 211 5.42 -5.51 -0.20
N ILE A 212 5.95 -4.36 0.18
CA ILE A 212 7.15 -3.80 -0.46
C ILE A 212 8.34 -4.75 -0.38
N LEU A 213 8.66 -5.24 0.81
CA LEU A 213 9.77 -6.18 0.96
C LEU A 213 9.48 -7.50 0.28
N ALA A 214 8.23 -7.96 0.36
CA ALA A 214 7.87 -9.19 -0.34
C ALA A 214 7.97 -9.06 -1.86
N SER A 215 7.59 -7.89 -2.37
CA SER A 215 7.64 -7.62 -3.79
C SER A 215 9.08 -7.47 -4.29
N LYS A 216 9.94 -6.88 -3.46
CA LYS A 216 11.34 -6.67 -3.77
C LYS A 216 12.10 -7.97 -4.07
N VAL A 217 11.79 -9.02 -3.30
CA VAL A 217 12.57 -10.25 -3.32
C VAL A 217 12.83 -10.82 -4.71
N ASN A 218 11.79 -10.91 -5.53
CA ASN A 218 11.99 -11.38 -6.90
C ASN A 218 11.80 -10.32 -7.99
N ALA A 219 11.77 -9.05 -7.59
CA ALA A 219 11.66 -7.94 -8.51
C ALA A 219 12.98 -7.80 -9.30
N PRO A 220 12.91 -7.13 -10.47
CA PRO A 220 14.17 -6.81 -11.16
C PRO A 220 15.03 -5.99 -10.22
N SER A 221 16.34 -6.16 -10.32
CA SER A 221 17.27 -5.50 -9.43
C SER A 221 17.11 -3.97 -9.43
N VAL A 222 16.58 -3.45 -10.53
CA VAL A 222 16.41 -2.01 -10.70
C VAL A 222 15.31 -1.44 -9.81
N TYR A 223 14.43 -2.30 -9.29
CA TYR A 223 13.38 -1.83 -8.39
C TYR A 223 14.03 -1.39 -7.08
N ASN A 224 13.82 -0.11 -6.75
CA ASN A 224 14.52 0.51 -5.63
C ASN A 224 13.52 0.98 -4.58
N ILE A 225 13.61 0.40 -3.40
CA ILE A 225 12.69 0.73 -2.32
C ILE A 225 12.90 2.17 -1.87
N ASN A 226 14.12 2.67 -2.05
CA ASN A 226 14.45 4.04 -1.70
C ASN A 226 13.80 5.10 -2.62
N ASN A 227 13.28 4.66 -3.76
CA ASN A 227 12.73 5.57 -4.78
C ASN A 227 11.93 4.71 -5.73
N MET A 228 10.72 4.34 -5.32
CA MET A 228 9.99 3.31 -6.05
C MET A 228 9.48 3.86 -7.37
N SER A 229 9.73 3.11 -8.44
CA SER A 229 9.17 3.48 -9.74
C SER A 229 7.70 3.12 -9.78
N GLU A 230 7.02 3.55 -10.83
CA GLU A 230 5.62 3.19 -11.05
C GLU A 230 5.48 1.69 -11.28
N ASN A 231 6.49 1.09 -11.88
CA ASN A 231 6.48 -0.35 -12.11
C ASN A 231 6.61 -1.12 -10.81
N PHE A 232 7.24 -0.50 -9.81
CA PHE A 232 7.44 -1.10 -8.49
C PHE A 232 6.15 -0.98 -7.71
N THR A 233 5.56 0.22 -7.68
CA THR A 233 4.29 0.41 -6.98
C THR A 233 3.20 -0.46 -7.59
N GLN A 234 3.33 -0.78 -8.87
CA GLN A 234 2.36 -1.65 -9.52
C GLN A 234 2.56 -3.08 -9.04
N ARG A 235 3.82 -3.46 -8.88
CA ARG A 235 4.15 -4.78 -8.38
C ARG A 235 3.63 -4.96 -6.94
N VAL A 236 3.85 -3.97 -6.08
CA VAL A 236 3.37 -4.14 -4.71
C VAL A 236 1.85 -4.08 -4.62
N SER A 237 1.21 -3.32 -5.51
CA SER A 237 -0.26 -3.27 -5.51
C SER A 237 -0.78 -4.66 -5.82
N THR A 238 -0.08 -5.36 -6.69
CA THR A 238 -0.45 -6.72 -7.04
C THR A 238 -0.25 -7.61 -5.81
N ASN A 239 0.83 -7.35 -5.08
CA ASN A 239 1.15 -8.12 -3.87
C ASN A 239 0.06 -7.93 -2.83
N LEU A 240 -0.27 -6.67 -2.58
CA LEU A 240 -1.32 -6.29 -1.65
C LEU A 240 -2.66 -6.89 -2.05
N GLU A 241 -2.90 -7.00 -3.35
CA GLU A 241 -4.15 -7.56 -3.82
C GLU A 241 -4.21 -9.04 -3.51
N LYS A 242 -3.08 -9.72 -3.66
CA LYS A 242 -3.05 -11.16 -3.39
C LYS A 242 -3.23 -11.45 -1.90
N MET A 243 -2.74 -10.55 -1.06
CA MET A 243 -2.86 -10.73 0.39
C MET A 243 -4.33 -10.61 0.74
N LYS A 244 -5.01 -9.65 0.12
CA LYS A 244 -6.44 -9.48 0.36
C LYS A 244 -7.23 -10.69 -0.15
N GLN A 245 -7.02 -11.02 -1.42
CA GLN A 245 -7.69 -12.17 -2.04
C GLN A 245 -7.55 -13.46 -1.23
N GLN A 246 -6.35 -13.70 -0.70
CA GLN A 246 -6.09 -14.92 0.07
C GLN A 246 -6.40 -14.72 1.56
N ASN A 247 -6.83 -13.52 1.93
CA ASN A 247 -7.27 -13.25 3.29
C ASN A 247 -6.18 -13.15 4.35
N TYR A 248 -4.96 -12.78 3.95
CA TYR A 248 -3.96 -12.44 4.94
C TYR A 248 -4.23 -11.06 5.51
N ILE A 249 -5.04 -10.28 4.80
CA ILE A 249 -5.47 -8.98 5.27
C ILE A 249 -6.93 -8.75 4.92
N ASN A 250 -7.57 -7.83 5.64
CA ASN A 250 -8.96 -7.48 5.38
C ASN A 250 -9.01 -6.25 4.52
N GLU A 251 -10.21 -5.87 4.08
CA GLU A 251 -10.40 -4.78 3.13
C GLU A 251 -9.79 -3.48 3.66
N THR A 252 -9.95 -3.27 4.97
CA THR A 252 -9.51 -2.04 5.63
C THR A 252 -7.99 -1.92 5.64
N GLN A 253 -7.32 -3.01 5.99
CA GLN A 253 -5.87 -3.09 5.89
C GLN A 253 -5.40 -2.83 4.46
N TYR A 254 -6.09 -3.42 3.50
CA TYR A 254 -5.77 -3.29 2.10
C TYR A 254 -5.90 -1.86 1.64
N GLN A 255 -7.09 -1.29 1.81
CA GLN A 255 -7.33 0.09 1.41
C GLN A 255 -6.31 1.01 2.04
N GLN A 256 -6.07 0.81 3.32
CA GLN A 256 -5.17 1.69 4.04
C GLN A 256 -3.74 1.53 3.53
N ALA A 257 -3.40 0.34 3.07
CA ALA A 257 -2.07 0.12 2.50
C ALA A 257 -2.03 0.75 1.14
N MET A 258 -3.02 0.44 0.31
CA MET A 258 -3.13 1.04 -1.02
C MET A 258 -3.02 2.57 -0.97
N SER A 259 -3.59 3.16 0.08
CA SER A 259 -3.61 4.60 0.22
C SER A 259 -2.22 5.12 0.57
N GLN A 260 -1.57 4.47 1.55
CA GLN A 260 -0.20 4.81 1.93
C GLN A 260 0.75 4.66 0.75
N LEU A 261 0.51 3.64 -0.08
CA LEU A 261 1.32 3.39 -1.27
C LEU A 261 1.24 4.57 -2.23
N ASN A 262 0.18 5.38 -2.10
CA ASN A 262 -0.08 6.46 -3.05
C ASN A 262 0.04 7.87 -2.48
N ARG A 263 1.20 8.18 -1.88
CA ARG A 263 1.43 9.49 -1.28
C ARG A 263 2.66 10.17 -1.88
N ARG B 35 -11.19 25.43 50.04
CA ARG B 35 -9.85 25.11 49.55
C ARG B 35 -9.85 23.95 48.55
N ILE B 36 -10.59 22.89 48.86
CA ILE B 36 -10.59 21.70 48.02
C ILE B 36 -11.09 22.01 46.61
N LEU B 37 -11.79 23.12 46.46
CA LEU B 37 -12.33 23.54 45.16
C LEU B 37 -11.29 24.32 44.35
N LEU B 38 -10.56 25.20 45.03
CA LEU B 38 -9.71 26.18 44.36
C LEU B 38 -8.37 25.64 43.87
N LYS B 39 -7.93 24.52 44.43
CA LYS B 39 -6.68 23.88 44.02
C LYS B 39 -6.93 22.67 43.11
N ILE B 40 -8.12 22.08 43.23
CA ILE B 40 -8.54 21.03 42.32
C ILE B 40 -8.60 21.61 40.90
N LEU B 41 -8.81 22.92 40.82
CA LEU B 41 -8.79 23.63 39.55
C LEU B 41 -7.36 23.92 39.10
N LEU B 42 -6.49 24.23 40.05
CA LEU B 42 -5.09 24.45 39.75
C LEU B 42 -4.47 23.18 39.18
N THR B 43 -4.49 22.12 39.98
CA THR B 43 -3.84 20.86 39.61
C THR B 43 -4.22 20.42 38.20
N ILE B 44 -5.52 20.35 37.91
CA ILE B 44 -5.99 19.95 36.60
C ILE B 44 -5.45 20.87 35.50
N LEU B 45 -5.41 22.16 35.79
CA LEU B 45 -4.97 23.16 34.81
C LEU B 45 -3.50 23.00 34.40
N ILE B 46 -2.63 22.62 35.33
CA ILE B 46 -1.21 22.47 35.03
C ILE B 46 -0.96 21.29 34.09
N ILE B 47 -1.69 20.21 34.29
CA ILE B 47 -1.50 19.00 33.49
C ILE B 47 -1.89 19.26 32.05
N ILE B 48 -2.95 20.04 31.84
CA ILE B 48 -3.37 20.41 30.50
C ILE B 48 -2.23 21.08 29.74
N ALA B 49 -1.69 22.15 30.32
CA ALA B 49 -0.57 22.86 29.72
C ALA B 49 0.60 21.91 29.47
N LEU B 50 0.81 20.99 30.41
CA LEU B 50 1.86 19.98 30.25
C LEU B 50 1.44 18.97 29.19
N PHE B 51 0.14 18.69 29.14
CA PHE B 51 -0.41 17.76 28.16
C PHE B 51 -0.28 18.36 26.77
N ILE B 52 -0.85 19.54 26.61
CA ILE B 52 -0.82 20.26 25.33
C ILE B 52 0.61 20.47 24.85
N GLY B 53 1.50 20.82 25.77
CA GLY B 53 2.90 21.05 25.45
C GLY B 53 3.59 19.77 25.02
N ILE B 54 3.25 18.66 25.66
CA ILE B 54 3.80 17.36 25.30
C ILE B 54 3.36 16.97 23.89
N MET B 55 2.12 17.31 23.55
CA MET B 55 1.56 16.96 22.25
C MET B 55 2.02 17.89 21.12
N TYR B 56 2.43 19.11 21.46
CA TYR B 56 3.02 19.98 20.46
C TYR B 56 4.28 19.31 19.92
N PHE B 57 5.16 18.91 20.83
CA PHE B 57 6.40 18.24 20.47
C PHE B 57 6.15 16.91 19.77
N LEU B 58 5.12 16.19 20.20
CA LEU B 58 4.74 14.93 19.57
C LEU B 58 4.17 15.20 18.18
N SER B 59 3.27 16.18 18.10
CA SER B 59 2.67 16.61 16.84
C SER B 59 3.74 16.79 15.77
N THR B 60 4.78 17.53 16.11
CA THR B 60 5.92 17.68 15.23
C THR B 60 6.97 16.62 15.56
N ARG B 61 7.21 15.67 14.67
CA ARG B 61 6.64 15.65 13.32
C ARG B 61 6.84 14.24 12.77
N ASP B 62 6.03 13.78 11.80
CA ASP B 62 4.89 14.49 11.21
C ASP B 62 5.19 15.83 10.53
N ASN B 63 6.17 15.81 9.64
CA ASN B 63 6.66 16.99 8.95
C ASN B 63 5.76 17.42 7.80
N VAL B 64 5.18 18.62 7.89
CA VAL B 64 4.29 19.11 6.85
C VAL B 64 5.02 19.37 5.52
N ASP B 65 6.34 19.43 5.58
CA ASP B 65 7.16 19.69 4.39
C ASP B 65 7.10 18.52 3.42
N GLU B 66 6.66 17.37 3.92
CA GLU B 66 6.57 16.18 3.10
C GLU B 66 5.36 16.28 2.16
N LEU B 67 4.33 16.98 2.60
CA LEU B 67 3.15 17.23 1.78
C LEU B 67 3.54 17.63 0.37
N ARG B 68 4.62 18.40 0.25
CA ARG B 68 5.08 18.89 -1.03
C ARG B 68 5.36 17.75 -2.01
N LYS B 69 5.50 16.54 -1.48
CA LYS B 69 5.82 15.37 -2.28
C LYS B 69 4.62 14.83 -3.07
N ILE B 70 3.43 15.32 -2.73
CA ILE B 70 2.26 14.99 -3.52
C ILE B 70 2.44 15.54 -4.93
N GLU B 71 3.05 16.71 -5.04
CA GLU B 71 3.26 17.38 -6.32
C GLU B 71 4.09 16.58 -7.33
N ASN B 72 4.82 15.59 -6.83
CA ASN B 72 5.68 14.77 -7.69
C ASN B 72 4.89 13.70 -8.44
N LYS B 73 3.62 13.55 -8.10
CA LYS B 73 2.76 12.59 -8.78
C LYS B 73 2.62 12.90 -10.28
N SER B 74 2.59 11.85 -11.09
CA SER B 74 2.57 12.01 -12.53
C SER B 74 1.26 12.62 -13.02
N SER B 75 0.19 12.36 -12.28
CA SER B 75 -1.13 12.87 -12.63
C SER B 75 -1.47 14.13 -11.85
N PHE B 76 -0.47 14.68 -11.16
CA PHE B 76 -0.70 15.88 -10.35
C PHE B 76 -1.23 17.05 -11.18
N VAL B 77 -2.25 17.72 -10.64
CA VAL B 77 -2.76 18.94 -11.23
C VAL B 77 -3.02 19.96 -10.13
N SER B 78 -2.34 21.10 -10.21
CA SER B 78 -2.54 22.20 -9.27
C SER B 78 -3.97 22.71 -9.33
N ALA B 79 -4.50 23.14 -8.19
CA ALA B 79 -5.84 23.70 -8.13
C ALA B 79 -5.94 24.91 -9.06
N ASP B 80 -4.82 25.60 -9.25
CA ASP B 80 -4.77 26.78 -10.12
C ASP B 80 -5.12 26.45 -11.57
N ASN B 81 -4.83 25.21 -11.97
CA ASN B 81 -5.10 24.78 -13.34
C ASN B 81 -6.45 24.09 -13.50
N MET B 82 -7.30 24.19 -12.48
CA MET B 82 -8.62 23.57 -12.55
C MET B 82 -9.72 24.62 -12.68
N PRO B 83 -10.81 24.26 -13.38
CA PRO B 83 -12.00 25.12 -13.43
C PRO B 83 -12.46 25.45 -12.02
N GLU B 84 -13.02 26.64 -11.84
CA GLU B 84 -13.49 27.05 -10.51
C GLU B 84 -14.58 26.13 -9.99
N TYR B 85 -15.42 25.62 -10.89
CA TYR B 85 -16.52 24.76 -10.46
C TYR B 85 -16.06 23.37 -10.05
N VAL B 86 -14.93 22.92 -10.59
CA VAL B 86 -14.34 21.66 -10.16
C VAL B 86 -13.94 21.77 -8.70
N LYS B 87 -13.18 22.82 -8.39
CA LYS B 87 -12.79 23.13 -7.01
C LYS B 87 -14.02 23.34 -6.11
N GLY B 88 -15.00 24.08 -6.60
CA GLY B 88 -16.19 24.39 -5.82
C GLY B 88 -17.05 23.18 -5.53
N ALA B 89 -16.97 22.17 -6.39
CA ALA B 89 -17.70 20.94 -6.17
C ALA B 89 -17.24 20.28 -4.86
N PHE B 90 -15.95 20.33 -4.60
CA PHE B 90 -15.41 19.76 -3.37
C PHE B 90 -15.61 20.71 -2.20
N ILE B 91 -15.16 21.95 -2.36
CA ILE B 91 -15.30 22.95 -1.31
C ILE B 91 -16.74 23.06 -0.80
N SER B 92 -17.69 23.16 -1.73
CA SER B 92 -19.09 23.29 -1.36
C SER B 92 -19.62 22.06 -0.62
N MET B 93 -19.02 20.91 -0.87
CA MET B 93 -19.52 19.66 -0.29
C MET B 93 -18.84 19.26 1.02
N GLU B 94 -17.61 19.73 1.22
CA GLU B 94 -16.78 19.23 2.31
C GLU B 94 -16.46 20.29 3.37
N ASP B 95 -16.33 21.53 2.93
CA ASP B 95 -15.76 22.58 3.79
C ASP B 95 -16.09 23.96 3.23
N GLU B 96 -17.36 24.32 3.28
CA GLU B 96 -17.86 25.55 2.67
C GLU B 96 -16.95 26.76 2.80
N ARG B 97 -16.46 27.03 4.01
CA ARG B 97 -15.67 28.23 4.26
C ARG B 97 -14.17 28.00 4.17
N PHE B 98 -13.76 27.10 3.27
CA PHE B 98 -12.35 26.73 3.16
C PHE B 98 -11.42 27.94 3.04
N TYR B 99 -11.82 28.93 2.24
CA TYR B 99 -10.96 30.08 1.99
C TYR B 99 -10.92 31.06 3.15
N ASN B 100 -11.95 31.02 3.99
CA ASN B 100 -12.12 31.98 5.07
C ASN B 100 -11.46 31.56 6.38
N HIS B 101 -11.54 30.27 6.69
CA HIS B 101 -10.98 29.78 7.95
C HIS B 101 -9.47 29.57 7.89
N HIS B 102 -8.91 29.08 8.99
CA HIS B 102 -7.48 28.84 9.09
C HIS B 102 -7.19 27.42 9.57
N GLY B 103 -8.02 26.48 9.13
CA GLY B 103 -7.87 25.08 9.51
C GLY B 103 -8.87 24.67 10.56
N PHE B 104 -9.37 25.67 11.30
CA PHE B 104 -10.26 25.41 12.42
C PHE B 104 -11.71 25.24 11.98
N ASP B 105 -12.35 26.35 11.60
CA ASP B 105 -13.78 26.38 11.31
C ASP B 105 -14.58 25.84 12.49
N LEU B 106 -14.44 26.48 13.64
CA LEU B 106 -15.14 26.04 14.85
C LEU B 106 -16.64 25.94 14.62
N LYS B 107 -17.19 26.88 13.85
CA LYS B 107 -18.62 26.87 13.58
C LYS B 107 -19.10 25.50 13.12
N GLY B 108 -18.44 24.96 12.09
CA GLY B 108 -18.80 23.67 11.55
C GLY B 108 -18.90 22.59 12.60
N THR B 109 -17.78 22.30 13.26
CA THR B 109 -17.71 21.22 14.23
C THR B 109 -18.64 21.44 15.43
N THR B 110 -18.77 22.69 15.86
CA THR B 110 -19.58 23.02 17.04
C THR B 110 -21.08 23.00 16.76
N ARG B 111 -21.50 23.54 15.62
CA ARG B 111 -22.92 23.53 15.26
C ARG B 111 -23.43 22.11 15.09
N ALA B 112 -22.51 21.18 14.84
CA ALA B 112 -22.85 19.78 14.70
C ALA B 112 -23.37 19.19 16.01
N LEU B 113 -23.38 20.01 17.06
CA LEU B 113 -23.86 19.60 18.37
C LEU B 113 -23.26 18.27 18.83
N GLY B 125 -17.95 16.36 10.54
CA GLY B 125 -17.09 16.48 9.38
C GLY B 125 -15.77 17.16 9.70
N SER B 126 -14.86 17.17 8.72
CA SER B 126 -13.55 17.79 8.89
C SER B 126 -13.32 18.85 7.82
N THR B 127 -12.56 19.90 8.15
CA THR B 127 -12.21 20.89 7.15
C THR B 127 -11.23 20.24 6.18
N ILE B 128 -11.15 20.79 4.97
CA ILE B 128 -10.26 20.27 3.95
C ILE B 128 -8.83 20.15 4.48
N THR B 129 -8.39 21.13 5.26
CA THR B 129 -7.05 21.13 5.81
C THR B 129 -6.79 19.92 6.71
N GLN B 130 -7.77 19.58 7.53
CA GLN B 130 -7.65 18.43 8.42
C GLN B 130 -7.58 17.14 7.62
N GLN B 131 -8.45 17.01 6.63
CA GLN B 131 -8.51 15.80 5.83
C GLN B 131 -7.21 15.55 5.07
N VAL B 132 -6.54 16.63 4.66
CA VAL B 132 -5.24 16.49 4.01
C VAL B 132 -4.29 15.81 4.96
N VAL B 133 -4.25 16.32 6.19
CA VAL B 133 -3.43 15.78 7.26
C VAL B 133 -3.71 14.29 7.47
N LYS B 134 -4.98 13.94 7.66
CA LYS B 134 -5.36 12.55 7.90
C LYS B 134 -4.88 11.63 6.77
N ASN B 135 -5.20 11.99 5.53
CA ASN B 135 -4.82 11.18 4.37
C ASN B 135 -3.33 10.94 4.26
N TYR B 136 -2.56 12.02 4.28
CA TYR B 136 -1.11 11.93 4.12
C TYR B 136 -0.40 11.30 5.33
N PHE B 137 -0.82 11.68 6.52
CA PHE B 137 -0.08 11.34 7.74
C PHE B 137 -0.71 10.25 8.60
N TYR B 138 -2.03 10.17 8.63
CA TYR B 138 -2.68 9.48 9.74
C TYR B 138 -3.45 8.19 9.50
N ASP B 139 -4.26 7.87 10.51
CA ASP B 139 -4.80 6.53 10.77
C ASP B 139 -3.77 5.41 10.60
N ASN B 140 -2.49 5.77 10.65
CA ASN B 140 -1.46 4.77 10.91
C ASN B 140 -1.72 4.35 12.35
N ASP B 141 -2.48 5.20 13.04
CA ASP B 141 -2.90 5.02 14.42
C ASP B 141 -4.06 5.99 14.66
N ARG B 142 -5.08 5.56 15.38
CA ARG B 142 -6.19 6.45 15.72
C ARG B 142 -6.56 6.42 17.19
N SER B 143 -6.56 7.60 17.80
CA SER B 143 -6.99 7.75 19.19
C SER B 143 -7.37 9.20 19.40
N PHE B 144 -7.98 9.51 20.55
CA PHE B 144 -8.27 10.90 20.86
C PHE B 144 -6.96 11.67 20.98
N THR B 145 -5.95 10.99 21.54
CA THR B 145 -4.60 11.53 21.60
C THR B 145 -4.20 12.03 20.21
N ARG B 146 -4.24 11.12 19.24
CA ARG B 146 -3.83 11.42 17.87
C ARG B 146 -4.73 12.48 17.24
N LYS B 147 -6.02 12.46 17.57
CA LYS B 147 -6.97 13.42 17.02
C LYS B 147 -6.59 14.85 17.41
N VAL B 148 -5.77 14.98 18.45
CA VAL B 148 -5.34 16.29 18.92
C VAL B 148 -4.13 16.82 18.16
N LYS B 149 -3.13 15.96 17.96
CA LYS B 149 -1.97 16.33 17.15
C LYS B 149 -2.44 16.86 15.81
N GLU B 150 -3.32 16.11 15.15
CA GLU B 150 -3.93 16.53 13.90
C GLU B 150 -4.17 18.03 13.91
N LEU B 151 -4.77 18.51 14.99
CA LEU B 151 -5.09 19.92 15.12
C LEU B 151 -3.83 20.79 15.06
N PHE B 152 -2.82 20.41 15.82
CA PHE B 152 -1.54 21.09 15.77
C PHE B 152 -0.99 21.05 14.36
N VAL B 153 -0.90 19.84 13.81
CA VAL B 153 -0.33 19.64 12.48
C VAL B 153 -1.10 20.45 11.44
N ALA B 154 -2.43 20.40 11.54
CA ALA B 154 -3.29 21.17 10.65
C ALA B 154 -2.99 22.65 10.80
N HIS B 155 -2.98 23.10 12.05
CA HIS B 155 -2.68 24.50 12.38
C HIS B 155 -1.36 24.91 11.75
N ARG B 156 -0.45 23.95 11.63
CA ARG B 156 0.88 24.20 11.09
C ARG B 156 0.84 24.17 9.57
N VAL B 157 0.07 23.23 9.02
CA VAL B 157 -0.10 23.12 7.59
C VAL B 157 -0.56 24.44 7.01
N GLU B 158 -1.54 25.04 7.69
CA GLU B 158 -2.10 26.32 7.27
C GLU B 158 -1.06 27.44 7.26
N LYS B 159 -0.06 27.34 8.12
CA LYS B 159 0.90 28.43 8.29
C LYS B 159 1.90 28.56 7.15
N GLN B 160 2.34 27.43 6.60
CA GLN B 160 3.34 27.49 5.52
C GLN B 160 2.78 27.16 4.13
N TYR B 161 1.47 26.97 4.04
CA TYR B 161 0.83 26.68 2.75
C TYR B 161 -0.37 27.60 2.49
N ASN B 162 -0.46 28.12 1.27
CA ASN B 162 -1.62 28.91 0.89
C ASN B 162 -2.79 28.00 0.55
N LYS B 163 -3.99 28.58 0.58
CA LYS B 163 -5.21 27.82 0.36
C LYS B 163 -5.21 27.02 -0.95
N ASN B 164 -4.47 27.50 -1.95
CA ASN B 164 -4.44 26.80 -3.23
C ASN B 164 -3.48 25.61 -3.26
N GLU B 165 -2.41 25.69 -2.47
CA GLU B 165 -1.51 24.56 -2.32
C GLU B 165 -2.20 23.50 -1.46
N ILE B 166 -2.83 23.95 -0.38
CA ILE B 166 -3.57 23.03 0.48
C ILE B 166 -4.59 22.26 -0.34
N LEU B 167 -5.38 22.98 -1.13
CA LEU B 167 -6.41 22.36 -1.94
C LEU B 167 -5.81 21.43 -2.99
N SER B 168 -4.63 21.77 -3.48
CA SER B 168 -3.95 20.90 -4.44
C SER B 168 -3.52 19.58 -3.81
N PHE B 169 -3.10 19.63 -2.54
CA PHE B 169 -2.77 18.42 -1.79
C PHE B 169 -4.03 17.59 -1.57
N TYR B 170 -5.14 18.27 -1.34
CA TYR B 170 -6.40 17.59 -1.11
C TYR B 170 -6.86 16.78 -2.32
N LEU B 171 -7.02 17.46 -3.46
CA LEU B 171 -7.56 16.83 -4.66
C LEU B 171 -6.60 15.85 -5.33
N ASN B 172 -5.30 16.02 -5.07
CA ASN B 172 -4.29 15.11 -5.62
C ASN B 172 -3.86 14.05 -4.62
N ASN B 173 -4.61 13.93 -3.53
CA ASN B 173 -4.35 12.86 -2.56
C ASN B 173 -5.57 12.48 -1.75
N ILE B 174 -6.56 11.90 -2.43
CA ILE B 174 -7.73 11.31 -1.77
C ILE B 174 -8.25 10.15 -2.61
N TYR B 175 -9.02 9.27 -1.99
CA TYR B 175 -9.47 8.04 -2.65
C TYR B 175 -10.77 8.21 -3.43
N PHE B 176 -10.69 8.03 -4.74
CA PHE B 176 -11.86 8.12 -5.63
C PHE B 176 -12.33 6.75 -6.10
N GLY B 177 -11.76 5.68 -5.53
CA GLY B 177 -12.12 4.33 -5.92
C GLY B 177 -11.35 3.83 -7.13
N ASP B 178 -11.46 2.54 -7.41
CA ASP B 178 -10.77 1.95 -8.55
C ASP B 178 -9.31 2.37 -8.65
N ASN B 179 -8.62 2.40 -7.51
CA ASN B 179 -7.18 2.67 -7.50
C ASN B 179 -6.75 4.04 -8.00
N GLN B 180 -7.64 5.03 -7.86
CA GLN B 180 -7.32 6.41 -8.22
C GLN B 180 -7.26 7.30 -6.99
N TYR B 181 -6.14 8.00 -6.83
CA TYR B 181 -5.89 8.81 -5.64
C TYR B 181 -5.56 10.25 -6.04
N THR B 182 -5.73 10.54 -7.33
CA THR B 182 -5.66 11.90 -7.84
C THR B 182 -6.95 12.20 -8.61
N LEU B 183 -7.48 13.41 -8.44
CA LEU B 183 -8.69 13.81 -9.14
C LEU B 183 -8.56 13.64 -10.65
N GLU B 184 -7.41 14.03 -11.20
CA GLU B 184 -7.18 13.92 -12.64
C GLU B 184 -7.22 12.46 -13.08
N GLY B 185 -6.58 11.59 -12.32
CA GLY B 185 -6.65 10.17 -12.59
C GLY B 185 -8.08 9.68 -12.52
N ALA B 186 -8.79 10.09 -11.47
CA ALA B 186 -10.20 9.72 -11.31
C ALA B 186 -11.04 10.16 -12.53
N ALA B 187 -10.76 11.36 -13.04
CA ALA B 187 -11.53 11.91 -14.15
C ALA B 187 -11.22 11.17 -15.45
N ASN B 188 -9.93 11.05 -15.76
CA ASN B 188 -9.46 10.24 -16.87
C ASN B 188 -10.12 8.87 -16.86
N HIS B 189 -9.94 8.15 -15.75
CA HIS B 189 -10.44 6.79 -15.63
C HIS B 189 -11.95 6.70 -15.85
N TYR B 190 -12.69 7.44 -15.04
CA TYR B 190 -14.14 7.32 -15.03
C TYR B 190 -14.83 7.94 -16.24
N PHE B 191 -14.26 9.00 -16.79
CA PHE B 191 -15.00 9.79 -17.77
C PHE B 191 -14.26 10.05 -19.07
N GLY B 192 -12.94 10.15 -19.02
CA GLY B 192 -12.16 10.46 -20.20
C GLY B 192 -11.93 11.96 -20.27
N THR B 193 -12.11 12.60 -19.12
CA THR B 193 -12.00 14.06 -19.06
C THR B 193 -10.86 14.53 -18.18
N THR B 194 -10.38 15.73 -18.45
CA THR B 194 -9.32 16.32 -17.66
C THR B 194 -9.84 17.45 -16.80
N VAL B 195 -9.29 17.58 -15.60
CA VAL B 195 -9.59 18.70 -14.73
C VAL B 195 -8.63 19.87 -14.97
N ASN B 196 -7.80 19.74 -16.02
CA ASN B 196 -6.91 20.83 -16.37
C ASN B 196 -7.59 21.73 -17.40
N LYS B 197 -7.94 22.94 -16.99
CA LYS B 197 -8.70 23.87 -17.80
C LYS B 197 -7.91 24.32 -19.03
N ASN B 198 -6.63 23.97 -19.07
CA ASN B 198 -5.75 24.38 -20.15
C ASN B 198 -5.53 23.30 -21.21
N SER B 199 -5.75 22.04 -20.81
CA SER B 199 -5.57 20.91 -21.73
C SER B 199 -6.27 21.14 -23.06
N THR B 200 -5.47 21.31 -24.10
CA THR B 200 -5.97 21.33 -25.47
C THR B 200 -6.06 19.88 -25.94
N THR B 201 -5.46 19.00 -25.14
CA THR B 201 -5.28 17.60 -25.54
C THR B 201 -6.45 16.69 -25.15
N MET B 202 -7.14 17.01 -24.06
CA MET B 202 -8.19 16.12 -23.58
C MET B 202 -9.53 16.83 -23.38
N SER B 203 -10.61 16.04 -23.39
CA SER B 203 -11.96 16.55 -23.19
C SER B 203 -12.17 16.99 -21.73
N HIS B 204 -12.84 18.13 -21.54
CA HIS B 204 -12.94 18.74 -20.22
C HIS B 204 -14.03 18.15 -19.32
N ILE B 205 -13.76 18.13 -18.01
CA ILE B 205 -14.65 17.53 -17.04
C ILE B 205 -15.90 18.38 -16.90
N THR B 206 -17.06 17.73 -16.84
CA THR B 206 -18.33 18.46 -16.85
C THR B 206 -18.66 18.94 -15.46
N VAL B 207 -19.70 19.75 -15.35
CA VAL B 207 -20.15 20.17 -14.02
C VAL B 207 -20.65 18.96 -13.24
N LEU B 208 -21.48 18.12 -13.87
CA LEU B 208 -22.02 16.95 -13.19
C LEU B 208 -20.90 16.00 -12.76
N GLN B 209 -19.97 15.72 -13.66
CA GLN B 209 -18.84 14.84 -13.33
C GLN B 209 -18.12 15.27 -12.06
N SER B 210 -17.79 16.55 -11.94
CA SER B 210 -17.09 17.01 -10.77
C SER B 210 -17.98 16.98 -9.51
N ALA B 211 -19.29 17.02 -9.71
CA ALA B 211 -20.24 16.83 -8.62
C ALA B 211 -20.17 15.38 -8.13
N ILE B 212 -20.02 14.46 -9.07
CA ILE B 212 -19.96 13.04 -8.75
C ILE B 212 -18.65 12.71 -8.02
N LEU B 213 -17.54 13.10 -8.60
CA LEU B 213 -16.23 12.86 -7.99
C LEU B 213 -16.11 13.50 -6.61
N ALA B 214 -16.76 14.66 -6.44
CA ALA B 214 -16.73 15.34 -5.14
C ALA B 214 -17.59 14.63 -4.10
N SER B 215 -18.73 14.10 -4.55
CA SER B 215 -19.64 13.40 -3.65
C SER B 215 -19.07 12.06 -3.24
N LYS B 216 -18.34 11.44 -4.16
CA LYS B 216 -17.77 10.11 -3.96
C LYS B 216 -16.72 10.05 -2.84
N VAL B 217 -16.04 11.17 -2.60
CA VAL B 217 -14.89 11.21 -1.71
C VAL B 217 -15.20 10.82 -0.26
N ASN B 218 -16.13 11.52 0.37
CA ASN B 218 -16.50 11.24 1.75
C ASN B 218 -17.85 10.55 1.83
N ALA B 219 -18.14 9.70 0.85
CA ALA B 219 -19.40 8.98 0.82
C ALA B 219 -19.16 7.54 1.23
N PRO B 220 -20.24 6.87 1.70
CA PRO B 220 -20.16 5.44 2.04
C PRO B 220 -19.39 4.68 0.97
N SER B 221 -18.50 3.77 1.38
CA SER B 221 -17.71 2.99 0.43
C SER B 221 -18.62 2.24 -0.55
N VAL B 222 -19.88 2.07 -0.15
CA VAL B 222 -20.87 1.41 -1.00
C VAL B 222 -21.13 2.18 -2.29
N TYR B 223 -21.31 3.50 -2.18
CA TYR B 223 -21.56 4.34 -3.35
C TYR B 223 -20.53 4.02 -4.42
N ASN B 224 -21.02 3.81 -5.64
CA ASN B 224 -20.14 3.51 -6.77
C ASN B 224 -20.47 4.39 -7.96
N ILE B 225 -19.44 4.89 -8.62
CA ILE B 225 -19.58 5.76 -9.78
C ILE B 225 -20.13 4.99 -10.99
N ASN B 226 -19.73 3.74 -11.12
CA ASN B 226 -20.09 2.92 -12.28
C ASN B 226 -21.57 2.51 -12.29
N ASN B 227 -22.10 2.21 -11.11
CA ASN B 227 -23.53 1.94 -10.98
C ASN B 227 -24.11 2.71 -9.80
N MET B 228 -24.83 3.79 -10.09
CA MET B 228 -25.30 4.71 -9.06
C MET B 228 -26.70 4.38 -8.56
N SER B 229 -26.90 4.58 -7.26
CA SER B 229 -28.17 4.29 -6.61
C SER B 229 -28.89 5.57 -6.20
N GLU B 230 -30.13 5.42 -5.76
CA GLU B 230 -30.91 6.56 -5.30
C GLU B 230 -30.17 7.34 -4.23
N ASN B 231 -29.31 6.65 -3.48
CA ASN B 231 -28.53 7.28 -2.43
C ASN B 231 -27.44 8.16 -3.02
N PHE B 232 -26.69 7.60 -3.98
CA PHE B 232 -25.57 8.33 -4.57
C PHE B 232 -26.09 9.52 -5.37
N THR B 233 -27.06 9.29 -6.26
CA THR B 233 -27.60 10.38 -7.09
C THR B 233 -28.23 11.50 -6.25
N GLN B 234 -28.84 11.15 -5.12
CA GLN B 234 -29.44 12.16 -4.25
C GLN B 234 -28.37 12.99 -3.56
N ARG B 235 -27.21 12.38 -3.35
CA ARG B 235 -26.07 13.06 -2.74
C ARG B 235 -25.45 14.04 -3.73
N VAL B 236 -25.29 13.57 -4.97
CA VAL B 236 -24.82 14.41 -6.06
C VAL B 236 -25.80 15.57 -6.31
N SER B 237 -27.10 15.29 -6.29
CA SER B 237 -28.09 16.34 -6.46
C SER B 237 -27.90 17.41 -5.40
N THR B 238 -27.61 16.97 -4.18
CA THR B 238 -27.42 17.89 -3.08
C THR B 238 -26.09 18.64 -3.24
N ASN B 239 -25.09 17.95 -3.74
CA ASN B 239 -23.81 18.57 -4.07
C ASN B 239 -24.02 19.66 -5.13
N LEU B 240 -24.78 19.34 -6.17
CA LEU B 240 -25.09 20.30 -7.22
C LEU B 240 -25.82 21.53 -6.68
N GLU B 241 -26.82 21.31 -5.82
CA GLU B 241 -27.56 22.43 -5.28
C GLU B 241 -26.63 23.35 -4.49
N LYS B 242 -25.72 22.74 -3.73
CA LYS B 242 -24.76 23.47 -2.93
C LYS B 242 -23.77 24.27 -3.78
N MET B 243 -23.38 23.70 -4.91
CA MET B 243 -22.53 24.39 -5.87
C MET B 243 -23.20 25.67 -6.40
N LYS B 244 -24.50 25.59 -6.67
CA LYS B 244 -25.28 26.76 -7.11
C LYS B 244 -25.39 27.83 -6.01
N GLN B 245 -25.88 27.43 -4.84
CA GLN B 245 -26.00 28.35 -3.71
C GLN B 245 -24.73 29.15 -3.42
N GLN B 246 -23.58 28.52 -3.60
CA GLN B 246 -22.30 29.15 -3.27
C GLN B 246 -21.64 29.79 -4.51
N ASN B 247 -22.43 29.93 -5.57
CA ASN B 247 -22.03 30.65 -6.76
C ASN B 247 -20.93 29.98 -7.57
N TYR B 248 -20.72 28.68 -7.37
CA TYR B 248 -19.70 27.97 -8.13
C TYR B 248 -20.20 27.57 -9.51
N ILE B 249 -21.52 27.52 -9.66
CA ILE B 249 -22.14 27.31 -10.96
C ILE B 249 -23.35 28.21 -11.11
N ASN B 250 -23.78 28.44 -12.35
CA ASN B 250 -24.96 29.22 -12.62
C ASN B 250 -26.16 28.31 -12.83
N GLU B 251 -27.34 28.89 -13.02
CA GLU B 251 -28.58 28.11 -13.07
C GLU B 251 -28.61 27.18 -14.28
N THR B 252 -27.95 27.61 -15.35
CA THR B 252 -27.92 26.85 -16.59
C THR B 252 -27.02 25.63 -16.46
N GLN B 253 -25.87 25.81 -15.83
CA GLN B 253 -25.00 24.68 -15.47
C GLN B 253 -25.71 23.71 -14.53
N TYR B 254 -26.36 24.25 -13.50
CA TYR B 254 -27.14 23.44 -12.56
C TYR B 254 -28.17 22.59 -13.28
N GLN B 255 -28.92 23.22 -14.18
CA GLN B 255 -29.95 22.56 -14.96
C GLN B 255 -29.38 21.47 -15.85
N GLN B 256 -28.34 21.80 -16.60
CA GLN B 256 -27.65 20.83 -17.45
C GLN B 256 -27.28 19.58 -16.63
N ALA B 257 -26.68 19.80 -15.46
CA ALA B 257 -26.16 18.71 -14.63
C ALA B 257 -27.28 17.84 -14.04
N MET B 258 -28.32 18.47 -13.52
CA MET B 258 -29.45 17.73 -13.01
C MET B 258 -30.10 16.89 -14.10
N SER B 259 -30.18 17.45 -15.31
CA SER B 259 -30.78 16.72 -16.43
C SER B 259 -29.92 15.53 -16.86
N GLN B 260 -28.60 15.70 -16.81
CA GLN B 260 -27.71 14.60 -17.15
C GLN B 260 -27.76 13.54 -16.06
N LEU B 261 -27.84 13.98 -14.80
CA LEU B 261 -27.92 13.08 -13.65
C LEU B 261 -29.12 12.15 -13.75
N ASN B 262 -30.25 12.71 -14.18
CA ASN B 262 -31.46 11.92 -14.36
C ASN B 262 -31.56 11.43 -15.81
N ARG B 263 -30.40 11.26 -16.44
CA ARG B 263 -30.31 10.88 -17.85
C ARG B 263 -31.14 9.63 -18.15
N2 LHI C . 3.37 -12.47 -10.23
N6 LHI C . -0.18 -16.64 -11.12
N7 LHI C . 6.18 -20.19 -8.62
C8 LHI C . 2.88 -17.45 -8.60
C9 LHI C . 2.17 -16.68 -9.70
C10 LHI C . 0.57 -16.88 -9.77
C11 LHI C . 0.09 -18.08 -8.84
C12 LHI C . 2.03 -18.40 -7.77
C13 LHI C . 2.60 -18.90 -6.46
C14 LHI C . 3.52 -14.94 -11.16
C15 LHI C . 3.67 -13.34 -11.41
C16 LHI C . 7.77 -18.20 -7.67
C17 LHI C . 8.04 -16.76 -7.77
C18 LHI C . 6.93 -15.80 -7.98
C19 LHI C . 5.24 -17.66 -8.22
C20 LHI C . 6.48 -18.67 -8.45
C21 LHI C . 7.37 -14.62 -8.83
C22 LHI C . 3.28 -11.02 -10.37
C39 LHI C . 4.82 -15.84 -11.45
C97 LHI C . -0.73 -15.20 -11.38
C98 LHI C . -1.40 -14.96 -12.83
C99 LHI C . 5.92 -21.10 -7.43
CA1 LHI C . 5.57 -22.62 -7.66
OA2 LHI C . 0.69 -17.96 -7.58
OA3 LHI C . 0.40 -19.39 -9.34
OA4 LHI C . 3.14 -12.84 -12.64
OA5 LHI C . 5.58 -16.26 -8.29
OA6 LHI C . 9.10 -16.50 -8.67
OA7 LHI C . 8.91 -18.99 -7.87
OA8 LHI C . 7.36 -13.47 -8.10
OA9 LHI C . 2.21 -18.01 -5.47
OB2 LHI C . 4.12 -18.06 -9.03
OB3 LHI C . 2.64 -15.32 -9.94
OB4 LHI C . -1.99 -20.11 -9.68
OB5 LHI C . -1.44 -18.22 -13.33
OB6 LHI C . -0.44 -19.77 -11.67
OC2 LHI C . -2.95 -19.46 -11.89
OC3 LHI C . 0.02 -14.04 -10.75
OC4 LHI C . 5.56 -20.53 -6.13
PC5 LHI C . -0.59 -20.26 -10.18
PC6 LHI C . -1.66 -19.53 -12.63
O22 LHI C . -1.68 -20.67 -13.71
O23 LHI C . -0.15 -21.69 -10.11
MG MG D . 0.51 -15.81 -5.89
MG MG E . 8.28 -25.79 -8.21
#